data_6T2J
#
_entry.id   6T2J
#
_cell.length_a   85.740
_cell.length_b   59.309
_cell.length_c   63.846
_cell.angle_alpha   90.000
_cell.angle_beta   131.971
_cell.angle_gamma   90.000
#
_symmetry.space_group_name_H-M   'C 1 2 1'
#
loop_
_entity.id
_entity.type
_entity.pdbx_description
1 polymer 'Single domain antibody'
2 non-polymer 'PHOSPHATE ION'
3 water water
#
_entity_poly.entity_id   1
_entity_poly.type   'polypeptide(L)'
_entity_poly.pdbx_seq_one_letter_code
;EVQLLESGGGLVQPGGSLRLSCAASGFTFRGYSMAWVRQAPGKGLEWVSTISPIGTYTYYADSVKGRFTISRDNSKNTLY
LQMNSLRAEDTAVYYCAKGSYSRGTPFDYWGQGTLVTVSS
;
_entity_poly.pdbx_strand_id   A,B
#
loop_
_chem_comp.id
_chem_comp.type
_chem_comp.name
_chem_comp.formula
PO4 non-polymer 'PHOSPHATE ION' 'O4 P -3'
#
# COMPACT_ATOMS: atom_id res chain seq x y z
N GLU A 1 -5.92 14.56 1.84
CA GLU A 1 -6.94 14.67 2.90
C GLU A 1 -7.25 13.30 3.52
N VAL A 2 -7.07 12.23 2.75
CA VAL A 2 -7.24 10.90 3.32
C VAL A 2 -5.96 10.53 4.05
N GLN A 3 -6.09 10.06 5.28
CA GLN A 3 -4.96 9.72 6.13
C GLN A 3 -5.28 8.43 6.87
N LEU A 4 -4.29 7.54 6.99
CA LEU A 4 -4.40 6.36 7.84
C LEU A 4 -3.20 6.42 8.77
N LEU A 5 -3.44 6.62 10.06
CA LEU A 5 -2.37 6.89 11.03
C LEU A 5 -2.22 5.69 11.95
N GLU A 6 -1.10 4.98 11.83
CA GLU A 6 -0.86 3.77 12.58
C GLU A 6 -0.07 4.02 13.85
N SER A 7 -0.31 3.18 14.85
CA SER A 7 0.53 3.13 16.04
C SER A 7 0.43 1.73 16.65
N GLY A 8 1.26 1.47 17.64
CA GLY A 8 1.15 0.26 18.43
C GLY A 8 2.28 -0.71 18.26
N GLY A 9 3.13 -0.52 17.27
CA GLY A 9 4.25 -1.42 17.08
C GLY A 9 5.21 -1.36 18.25
N GLY A 10 6.11 -2.33 18.29
CA GLY A 10 7.12 -2.32 19.32
C GLY A 10 7.89 -3.62 19.35
N LEU A 11 8.64 -3.78 20.45
CA LEU A 11 9.55 -4.88 20.64
C LEU A 11 9.04 -5.74 21.78
N VAL A 12 8.91 -7.05 21.54
CA VAL A 12 8.40 -8.01 22.52
C VAL A 12 9.18 -9.31 22.37
N GLN A 13 9.03 -10.15 23.38
CA GLN A 13 9.55 -11.51 23.33
C GLN A 13 8.48 -12.45 22.81
N PRO A 14 8.85 -13.63 22.32
CA PRO A 14 7.82 -14.61 21.91
C PRO A 14 6.83 -14.83 23.05
N GLY A 15 5.56 -14.97 22.69
CA GLY A 15 4.51 -15.02 23.68
C GLY A 15 3.94 -13.67 24.07
N GLY A 16 4.55 -12.58 23.64
CA GLY A 16 4.10 -11.27 24.03
C GLY A 16 2.86 -10.84 23.27
N SER A 17 2.45 -9.61 23.52
CA SER A 17 1.20 -9.10 22.98
C SER A 17 1.38 -7.65 22.56
N LEU A 18 0.70 -7.28 21.48
CA LEU A 18 0.67 -5.90 21.04
C LEU A 18 -0.72 -5.63 20.47
N ARG A 19 -1.13 -4.36 20.50
CA ARG A 19 -2.37 -3.94 19.87
C ARG A 19 -2.03 -2.80 18.91
N LEU A 20 -2.21 -3.05 17.62
CA LEU A 20 -2.02 -2.03 16.61
C LEU A 20 -3.30 -1.25 16.43
N SER A 21 -3.17 0.03 16.11
CA SER A 21 -4.33 0.87 15.84
C SER A 21 -4.08 1.66 14.56
N CYS A 22 -5.16 1.99 13.89
CA CYS A 22 -5.10 2.69 12.61
C CYS A 22 -6.25 3.68 12.61
N ALA A 23 -5.94 4.97 12.83
CA ALA A 23 -6.96 6.01 12.84
C ALA A 23 -7.07 6.67 11.47
N ALA A 24 -8.30 6.84 10.98
CA ALA A 24 -8.45 7.35 9.62
C ALA A 24 -9.05 8.74 9.58
N SER A 25 -8.63 9.49 8.56
CA SER A 25 -9.17 10.81 8.27
C SER A 25 -9.55 10.87 6.78
N GLY A 26 -10.57 11.68 6.46
CA GLY A 26 -10.85 12.00 5.07
C GLY A 26 -11.78 11.05 4.35
N PHE A 27 -12.29 10.04 5.06
CA PHE A 27 -13.38 9.19 4.63
C PHE A 27 -14.03 8.67 5.91
N THR A 28 -15.25 8.17 5.80
CA THR A 28 -15.95 7.63 6.96
C THR A 28 -15.87 6.11 6.97
N PHE A 29 -15.43 5.56 8.11
CA PHE A 29 -15.15 4.13 8.20
C PHE A 29 -16.30 3.25 7.76
N ARG A 30 -17.53 3.62 8.15
CA ARG A 30 -18.67 2.74 7.99
C ARG A 30 -18.81 2.18 6.59
N GLY A 31 -18.34 2.91 5.57
CA GLY A 31 -18.63 2.41 4.24
C GLY A 31 -17.71 1.31 3.72
N TYR A 32 -16.63 0.98 4.41
CA TYR A 32 -15.51 0.30 3.76
C TYR A 32 -15.04 -0.91 4.55
N SER A 33 -14.73 -1.99 3.83
CA SER A 33 -13.93 -3.05 4.43
C SER A 33 -12.54 -2.51 4.69
N MET A 34 -11.87 -3.05 5.72
CA MET A 34 -10.51 -2.65 6.09
C MET A 34 -9.66 -3.90 6.27
N ALA A 35 -8.33 -3.77 6.11
CA ALA A 35 -7.48 -4.94 6.18
C ALA A 35 -6.19 -4.60 6.90
N TRP A 36 -5.50 -5.65 7.36
CA TRP A 36 -4.11 -5.56 7.81
C TRP A 36 -3.29 -6.45 6.89
N VAL A 37 -2.12 -5.95 6.47
CA VAL A 37 -1.13 -6.71 5.69
C VAL A 37 0.22 -6.49 6.35
N ARG A 38 1.19 -7.35 6.03
CA ARG A 38 2.48 -7.19 6.69
C ARG A 38 3.60 -7.58 5.72
N GLN A 39 4.77 -6.98 5.92
CA GLN A 39 5.93 -7.28 5.07
C GLN A 39 7.03 -7.72 6.00
N ALA A 40 7.35 -9.02 5.95
CA ALA A 40 8.43 -9.58 6.76
C ALA A 40 9.76 -9.29 6.09
N PRO A 41 10.86 -9.30 6.85
CA PRO A 41 12.14 -8.89 6.26
C PRO A 41 12.46 -9.71 5.03
N GLY A 42 12.81 -9.01 3.95
CA GLY A 42 13.21 -9.63 2.71
C GLY A 42 12.15 -10.44 2.01
N LYS A 43 10.89 -10.34 2.42
CA LYS A 43 9.81 -11.08 1.80
C LYS A 43 8.84 -10.12 1.09
N GLY A 44 7.86 -10.70 0.41
CA GLY A 44 6.79 -9.91 -0.17
C GLY A 44 5.66 -9.66 0.81
N LEU A 45 4.77 -8.75 0.43
CA LEU A 45 3.62 -8.43 1.27
C LEU A 45 2.72 -9.65 1.46
N GLU A 46 2.25 -9.85 2.69
CA GLU A 46 1.37 -10.96 3.04
C GLU A 46 0.09 -10.42 3.69
N TRP A 47 -1.05 -10.93 3.27
CA TRP A 47 -2.30 -10.55 3.90
C TRP A 47 -2.40 -11.16 5.28
N VAL A 48 -2.92 -10.37 6.23
CA VAL A 48 -3.11 -10.81 7.61
C VAL A 48 -4.59 -11.05 7.93
N SER A 49 -5.44 -10.04 7.70
CA SER A 49 -6.85 -10.15 8.11
C SER A 49 -7.65 -9.02 7.44
N THR A 50 -8.94 -9.29 7.20
CA THR A 50 -9.85 -8.30 6.63
C THR A 50 -11.09 -8.28 7.50
N ILE A 51 -11.73 -7.12 7.63
CA ILE A 51 -12.96 -7.00 8.41
C ILE A 51 -13.98 -6.21 7.59
N SER A 52 -15.22 -6.70 7.56
CA SER A 52 -16.26 -6.09 6.74
C SER A 52 -16.69 -4.75 7.34
N PRO A 53 -17.44 -3.93 6.59
CA PRO A 53 -17.70 -2.53 7.01
C PRO A 53 -18.28 -2.35 8.41
N ILE A 54 -19.21 -3.20 8.81
CA ILE A 54 -19.85 -3.12 10.12
C ILE A 54 -19.23 -4.11 11.10
N GLY A 55 -18.28 -4.92 10.66
CA GLY A 55 -17.66 -5.87 11.57
C GLY A 55 -18.35 -7.20 11.63
N THR A 56 -19.41 -7.41 10.83
CA THR A 56 -20.14 -8.68 10.88
C THR A 56 -19.25 -9.86 10.50
N TYR A 57 -18.36 -9.68 9.52
CA TYR A 57 -17.50 -10.75 9.01
C TYR A 57 -16.04 -10.40 9.23
N THR A 58 -15.28 -11.38 9.69
CA THR A 58 -13.83 -11.23 9.81
C THR A 58 -13.16 -12.42 9.15
N TYR A 59 -11.98 -12.18 8.58
CA TYR A 59 -11.24 -13.19 7.84
C TYR A 59 -9.79 -13.14 8.26
N TYR A 60 -9.14 -14.30 8.28
CA TYR A 60 -7.77 -14.37 8.79
C TYR A 60 -6.91 -15.26 7.91
N ALA A 61 -5.65 -14.89 7.78
CA ALA A 61 -4.66 -15.78 7.20
C ALA A 61 -4.48 -16.99 8.13
N ASP A 62 -4.28 -18.18 7.55
CA ASP A 62 -4.13 -19.37 8.36
C ASP A 62 -3.04 -19.20 9.43
N SER A 63 -1.94 -18.50 9.09
CA SER A 63 -0.81 -18.36 10.01
C SER A 63 -1.11 -17.54 11.27
N VAL A 64 -2.22 -16.81 11.34
CA VAL A 64 -2.53 -15.99 12.51
C VAL A 64 -3.84 -16.37 13.16
N LYS A 65 -4.60 -17.31 12.60
CA LYS A 65 -5.87 -17.70 13.18
C LYS A 65 -5.71 -18.16 14.62
N GLY A 66 -6.61 -17.71 15.49
CA GLY A 66 -6.56 -18.07 16.89
C GLY A 66 -5.59 -17.27 17.71
N ARG A 67 -4.71 -16.49 17.09
CA ARG A 67 -3.78 -15.64 17.81
C ARG A 67 -4.03 -14.16 17.64
N PHE A 68 -4.48 -13.73 16.46
CA PHE A 68 -4.74 -12.33 16.17
C PHE A 68 -6.25 -12.10 16.06
N THR A 69 -6.69 -10.92 16.46
CA THR A 69 -8.10 -10.54 16.30
C THR A 69 -8.20 -9.17 15.66
N ILE A 70 -8.90 -9.09 14.54
CA ILE A 70 -9.19 -7.79 13.94
C ILE A 70 -10.49 -7.26 14.52
N SER A 71 -10.56 -5.95 14.71
CA SER A 71 -11.77 -5.30 15.18
C SER A 71 -11.77 -3.87 14.69
N ARG A 72 -12.93 -3.20 14.80
CA ARG A 72 -13.03 -1.81 14.36
C ARG A 72 -14.06 -1.09 15.19
N ASP A 73 -13.91 0.22 15.25
CA ASP A 73 -14.84 1.08 15.98
C ASP A 73 -15.20 2.20 15.02
N ASN A 74 -16.35 2.07 14.35
CA ASN A 74 -16.68 2.98 13.25
C ASN A 74 -16.95 4.39 13.74
N SER A 75 -17.47 4.54 14.95
CA SER A 75 -17.70 5.89 15.44
C SER A 75 -16.38 6.61 15.73
N LYS A 76 -15.34 5.84 16.05
CA LYS A 76 -13.99 6.36 16.27
C LYS A 76 -13.17 6.41 15.00
N ASN A 77 -13.68 5.90 13.88
CA ASN A 77 -12.89 5.78 12.64
C ASN A 77 -11.54 5.11 12.89
N THR A 78 -11.51 4.06 13.71
CA THR A 78 -10.26 3.39 14.06
C THR A 78 -10.38 1.87 13.87
N LEU A 79 -9.31 1.29 13.30
CA LEU A 79 -9.17 -0.14 13.05
C LEU A 79 -8.15 -0.71 14.01
N TYR A 80 -8.40 -1.91 14.52
CA TYR A 80 -7.48 -2.52 15.47
C TYR A 80 -7.00 -3.89 15.01
N LEU A 81 -5.77 -4.24 15.42
CA LEU A 81 -5.28 -5.63 15.36
C LEU A 81 -4.71 -6.02 16.72
N GLN A 82 -5.40 -6.94 17.41
CA GLN A 82 -4.92 -7.46 18.68
C GLN A 82 -4.06 -8.67 18.38
N MET A 83 -2.81 -8.63 18.80
CA MET A 83 -1.85 -9.69 18.47
C MET A 83 -1.41 -10.37 19.76
N ASN A 84 -1.76 -11.64 19.91
CA ASN A 84 -1.35 -12.42 21.08
C ASN A 84 -0.49 -13.59 20.63
N SER A 85 0.17 -14.23 21.60
CA SER A 85 1.02 -15.40 21.34
C SER A 85 2.01 -15.11 20.22
N LEU A 86 2.65 -13.94 20.30
CA LEU A 86 3.48 -13.49 19.19
C LEU A 86 4.68 -14.40 19.01
N ARG A 87 5.05 -14.60 17.74
CA ARG A 87 6.10 -15.50 17.30
C ARG A 87 7.17 -14.69 16.61
N ALA A 88 8.41 -15.19 16.65
CA ALA A 88 9.48 -14.53 15.90
C ALA A 88 9.07 -14.31 14.45
N GLU A 89 8.39 -15.27 13.85
CA GLU A 89 8.00 -15.18 12.45
C GLU A 89 6.87 -14.18 12.22
N ASP A 90 6.35 -13.53 13.26
CA ASP A 90 5.43 -12.42 13.10
C ASP A 90 6.16 -11.09 12.95
N THR A 91 7.49 -11.09 13.11
CA THR A 91 8.26 -9.87 12.95
C THR A 91 8.08 -9.34 11.55
N ALA A 92 7.61 -8.10 11.45
CA ALA A 92 7.26 -7.54 10.14
C ALA A 92 6.87 -6.09 10.36
N VAL A 93 6.82 -5.31 9.26
CA VAL A 93 6.15 -4.02 9.28
C VAL A 93 4.69 -4.26 8.92
N TYR A 94 3.79 -3.77 9.77
CA TYR A 94 2.36 -4.00 9.60
C TYR A 94 1.72 -2.75 9.03
N TYR A 95 0.86 -2.93 8.03
CA TYR A 95 0.16 -1.82 7.39
C TYR A 95 -1.35 -2.03 7.46
N CYS A 96 -2.10 -0.98 7.81
CA CYS A 96 -3.53 -1.08 7.58
C CYS A 96 -3.85 -0.64 6.15
N ALA A 97 -4.97 -1.13 5.63
CA ALA A 97 -5.35 -0.93 4.24
C ALA A 97 -6.82 -0.58 4.15
N LYS A 98 -7.13 0.50 3.43
CA LYS A 98 -8.50 0.96 3.24
C LYS A 98 -9.08 0.30 2.00
N GLY A 99 -10.21 -0.38 2.18
CA GLY A 99 -10.93 -0.94 1.06
C GLY A 99 -11.42 0.12 0.10
N SER A 100 -11.52 -0.29 -1.16
CA SER A 100 -11.84 0.63 -2.25
C SER A 100 -12.94 0.03 -3.11
N TYR A 101 -13.77 0.91 -3.67
CA TYR A 101 -14.75 0.47 -4.66
C TYR A 101 -14.31 0.85 -6.08
N SER A 102 -13.03 1.16 -6.26
CA SER A 102 -12.50 1.44 -7.60
C SER A 102 -12.15 0.15 -8.32
N ARG A 103 -12.28 0.16 -9.64
CA ARG A 103 -11.95 -1.05 -10.39
C ARG A 103 -10.45 -1.21 -10.58
N GLY A 104 -9.66 -0.20 -10.21
CA GLY A 104 -8.23 -0.34 -10.37
C GLY A 104 -7.52 -1.04 -9.23
N THR A 105 -8.16 -1.12 -8.05
CA THR A 105 -7.56 -1.79 -6.91
C THR A 105 -8.62 -2.02 -5.85
N PRO A 106 -8.57 -3.13 -5.12
CA PRO A 106 -9.50 -3.31 -3.99
C PRO A 106 -9.10 -2.55 -2.74
N PHE A 107 -7.90 -1.99 -2.67
CA PHE A 107 -7.49 -1.18 -1.53
C PHE A 107 -6.76 0.01 -2.11
N ASP A 108 -7.12 1.24 -1.70
CA ASP A 108 -6.54 2.41 -2.35
C ASP A 108 -5.76 3.33 -1.41
N TYR A 109 -5.61 2.96 -0.14
CA TYR A 109 -4.84 3.76 0.82
C TYR A 109 -4.26 2.82 1.86
N TRP A 110 -3.04 3.12 2.31
CA TRP A 110 -2.39 2.32 3.34
C TRP A 110 -1.78 3.23 4.38
N GLY A 111 -1.67 2.72 5.60
CA GLY A 111 -0.98 3.46 6.65
C GLY A 111 0.51 3.55 6.37
N GLN A 112 1.20 4.29 7.23
CA GLN A 112 2.63 4.49 7.05
C GLN A 112 3.47 3.32 7.55
N GLY A 113 2.87 2.33 8.22
CA GLY A 113 3.58 1.17 8.74
C GLY A 113 3.93 1.31 10.20
N THR A 114 3.89 0.21 10.95
CA THR A 114 4.45 0.21 12.29
C THR A 114 5.21 -1.11 12.44
N LEU A 115 6.40 -1.05 13.04
CA LEU A 115 7.29 -2.20 13.08
C LEU A 115 6.99 -3.04 14.32
N VAL A 116 6.88 -4.35 14.12
CA VAL A 116 6.67 -5.31 15.17
C VAL A 116 7.89 -6.21 15.19
N THR A 117 8.61 -6.24 16.32
CA THR A 117 9.80 -7.06 16.48
C THR A 117 9.53 -8.06 17.59
N VAL A 118 9.65 -9.33 17.28
CA VAL A 118 9.44 -10.40 18.26
C VAL A 118 10.75 -11.17 18.35
N SER A 119 11.41 -11.09 19.49
CA SER A 119 12.74 -11.68 19.51
C SER A 119 13.14 -12.03 20.93
N SER A 120 13.89 -13.14 21.04
CA SER A 120 14.70 -13.52 22.21
C SER A 120 13.92 -14.25 23.30
N GLU B 1 12.83 -12.81 -4.92
CA GLU B 1 13.73 -12.41 -5.99
C GLU B 1 13.25 -11.13 -6.67
N VAL B 2 12.10 -10.59 -6.25
CA VAL B 2 11.56 -9.41 -6.94
C VAL B 2 12.29 -8.16 -6.49
N GLN B 3 12.60 -7.28 -7.45
CA GLN B 3 13.26 -6.01 -7.17
C GLN B 3 12.70 -4.96 -8.13
N LEU B 4 12.45 -3.76 -7.61
CA LEU B 4 11.88 -2.66 -8.39
C LEU B 4 12.68 -1.40 -8.09
N LEU B 5 13.04 -0.64 -9.11
CA LEU B 5 13.81 0.58 -8.92
C LEU B 5 13.21 1.71 -9.73
N GLU B 6 12.73 2.75 -9.03
CA GLU B 6 12.17 3.93 -9.68
C GLU B 6 13.25 4.96 -10.00
N SER B 7 13.05 5.65 -11.10
CA SER B 7 13.92 6.75 -11.52
C SER B 7 13.09 7.92 -11.99
N GLY B 8 13.70 9.10 -11.95
CA GLY B 8 13.18 10.26 -12.65
C GLY B 8 12.72 11.38 -11.75
N GLY B 9 12.74 11.18 -10.43
CA GLY B 9 12.28 12.20 -9.52
C GLY B 9 13.17 13.43 -9.58
N GLY B 10 12.65 14.51 -9.04
CA GLY B 10 13.43 15.73 -8.96
C GLY B 10 12.54 16.87 -8.51
N LEU B 11 13.07 18.08 -8.65
CA LEU B 11 12.29 19.28 -8.35
C LEU B 11 11.60 19.76 -9.63
N VAL B 12 10.30 20.08 -9.51
CA VAL B 12 9.49 20.50 -10.65
C VAL B 12 8.81 21.80 -10.28
N GLN B 13 8.75 22.72 -11.23
CA GLN B 13 8.02 23.96 -11.08
C GLN B 13 6.52 23.68 -11.08
N PRO B 14 5.74 24.41 -10.29
CA PRO B 14 4.28 24.28 -10.37
C PRO B 14 3.82 24.47 -11.81
N GLY B 15 2.90 23.60 -12.22
CA GLY B 15 2.45 23.56 -13.60
C GLY B 15 3.30 22.74 -14.54
N GLY B 16 4.45 22.23 -14.10
CA GLY B 16 5.36 21.51 -14.98
C GLY B 16 5.01 20.04 -15.14
N SER B 17 5.85 19.35 -15.89
CA SER B 17 5.68 17.97 -16.27
C SER B 17 6.91 17.18 -15.86
N LEU B 18 6.71 15.88 -15.62
CA LEU B 18 7.81 14.98 -15.27
C LEU B 18 7.39 13.56 -15.64
N ARG B 19 8.33 12.79 -16.18
CA ARG B 19 8.12 11.38 -16.47
C ARG B 19 8.95 10.51 -15.54
N LEU B 20 8.30 9.55 -14.85
CA LEU B 20 9.01 8.62 -13.98
C LEU B 20 9.09 7.28 -14.70
N SER B 21 10.09 6.49 -14.36
CA SER B 21 10.13 5.12 -14.85
C SER B 21 10.44 4.18 -13.70
N CYS B 22 10.18 2.91 -13.92
CA CYS B 22 10.39 1.89 -12.91
C CYS B 22 10.91 0.65 -13.65
N ALA B 23 12.09 0.19 -13.28
CA ALA B 23 12.68 -1.02 -13.84
C ALA B 23 12.41 -2.18 -12.89
N ALA B 24 12.08 -3.35 -13.45
CA ALA B 24 11.68 -4.48 -12.64
C ALA B 24 12.56 -5.70 -12.91
N SER B 25 12.78 -6.51 -11.88
CA SER B 25 13.48 -7.78 -12.05
C SER B 25 12.86 -8.85 -11.16
N GLY B 26 13.06 -10.10 -11.54
CA GLY B 26 12.77 -11.22 -10.67
C GLY B 26 11.40 -11.84 -10.85
N PHE B 27 10.66 -11.42 -11.87
CA PHE B 27 9.35 -12.00 -12.19
C PHE B 27 9.09 -11.76 -13.67
N THR B 28 8.11 -12.50 -14.21
CA THR B 28 7.69 -12.34 -15.59
C THR B 28 6.83 -11.08 -15.62
N PHE B 29 7.43 -9.98 -16.08
CA PHE B 29 6.81 -8.66 -15.97
C PHE B 29 5.42 -8.63 -16.61
N ARG B 30 5.30 -9.13 -17.85
CA ARG B 30 4.02 -9.13 -18.55
C ARG B 30 2.98 -10.04 -17.89
N GLY B 31 3.33 -10.77 -16.83
CA GLY B 31 2.32 -11.60 -16.19
C GLY B 31 1.46 -10.87 -15.19
N TYR B 32 1.78 -9.62 -14.88
CA TYR B 32 1.15 -8.95 -13.74
C TYR B 32 0.70 -7.56 -14.08
N SER B 33 -0.41 -7.15 -13.46
CA SER B 33 -0.72 -5.73 -13.39
C SER B 33 0.40 -5.04 -12.62
N MET B 34 0.55 -3.73 -12.85
CA MET B 34 1.53 -2.90 -12.15
C MET B 34 0.86 -1.62 -11.68
N ALA B 35 1.42 -0.96 -10.67
CA ALA B 35 0.79 0.25 -10.19
C ALA B 35 1.84 1.26 -9.74
N TRP B 36 1.40 2.51 -9.61
CA TRP B 36 2.12 3.56 -8.88
C TRP B 36 1.34 3.91 -7.63
N VAL B 37 2.07 4.12 -6.53
CA VAL B 37 1.50 4.64 -5.29
C VAL B 37 2.43 5.75 -4.82
N ARG B 38 1.93 6.61 -3.93
CA ARG B 38 2.78 7.73 -3.51
C ARG B 38 2.56 8.08 -2.05
N GLN B 39 3.60 8.62 -1.43
CA GLN B 39 3.59 8.95 -0.01
C GLN B 39 3.93 10.41 0.14
N ALA B 40 2.92 11.23 0.47
CA ALA B 40 3.12 12.65 0.69
C ALA B 40 3.76 12.86 2.06
N PRO B 41 4.34 14.02 2.31
CA PRO B 41 4.97 14.25 3.62
C PRO B 41 3.95 14.04 4.74
N GLY B 42 4.34 13.25 5.72
CA GLY B 42 3.55 13.02 6.92
C GLY B 42 2.42 12.03 6.77
N LYS B 43 2.32 11.34 5.63
CA LYS B 43 1.14 10.56 5.36
C LYS B 43 1.48 9.10 5.10
N GLY B 44 0.43 8.32 4.85
CA GLY B 44 0.57 6.95 4.38
C GLY B 44 0.67 6.92 2.87
N LEU B 45 0.36 5.76 2.31
CA LEU B 45 0.55 5.53 0.87
C LEU B 45 -0.77 5.65 0.16
N GLU B 46 -0.78 6.41 -0.93
CA GLU B 46 -2.00 6.62 -1.70
C GLU B 46 -1.86 5.92 -3.04
N TRP B 47 -2.84 5.08 -3.41
CA TRP B 47 -2.82 4.49 -4.74
C TRP B 47 -3.02 5.57 -5.79
N VAL B 48 -2.18 5.54 -6.83
CA VAL B 48 -2.20 6.53 -7.92
C VAL B 48 -2.79 5.95 -9.19
N SER B 49 -2.33 4.77 -9.62
CA SER B 49 -2.75 4.27 -10.94
C SER B 49 -2.39 2.81 -11.07
N THR B 50 -3.19 2.06 -11.85
CA THR B 50 -2.92 0.66 -12.16
C THR B 50 -2.96 0.46 -13.67
N ILE B 51 -2.10 -0.42 -14.17
CA ILE B 51 -2.15 -0.82 -15.57
C ILE B 51 -2.18 -2.34 -15.66
N SER B 52 -2.98 -2.88 -16.59
CA SER B 52 -3.10 -4.33 -16.75
C SER B 52 -1.89 -4.92 -17.46
N PRO B 53 -1.78 -6.27 -17.48
CA PRO B 53 -0.53 -6.90 -17.95
C PRO B 53 -0.01 -6.43 -19.30
N ILE B 54 -0.87 -6.33 -20.31
CA ILE B 54 -0.43 -5.86 -21.63
C ILE B 54 -0.76 -4.40 -21.84
N GLY B 55 -1.37 -3.74 -20.84
CA GLY B 55 -1.61 -2.33 -20.97
C GLY B 55 -2.97 -1.97 -21.51
N THR B 56 -3.82 -2.97 -21.76
CA THR B 56 -5.14 -2.73 -22.33
C THR B 56 -6.00 -1.87 -21.43
N TYR B 57 -5.90 -2.07 -20.11
CA TYR B 57 -6.75 -1.36 -19.15
C TYR B 57 -5.89 -0.51 -18.23
N THR B 58 -6.31 0.73 -18.03
CA THR B 58 -5.65 1.62 -17.08
C THR B 58 -6.68 2.28 -16.17
N TYR B 59 -6.23 2.57 -14.96
CA TYR B 59 -7.10 3.08 -13.90
C TYR B 59 -6.35 4.12 -13.11
N TYR B 60 -7.08 5.13 -12.63
CA TYR B 60 -6.46 6.28 -12.00
C TYR B 60 -7.25 6.77 -10.79
N ALA B 61 -6.53 7.24 -9.78
CA ALA B 61 -7.18 7.98 -8.70
C ALA B 61 -7.76 9.28 -9.24
N ASP B 62 -8.89 9.73 -8.66
CA ASP B 62 -9.60 10.88 -9.19
C ASP B 62 -8.72 12.12 -9.26
N SER B 63 -7.85 12.30 -8.28
CA SER B 63 -7.06 13.53 -8.23
C SER B 63 -5.95 13.59 -9.26
N VAL B 64 -5.67 12.50 -9.97
CA VAL B 64 -4.66 12.53 -11.02
C VAL B 64 -5.21 12.15 -12.39
N LYS B 65 -6.43 11.63 -12.46
CA LYS B 65 -7.00 11.25 -13.74
C LYS B 65 -6.95 12.41 -14.74
N GLY B 66 -6.61 12.09 -15.98
CA GLY B 66 -6.44 13.11 -16.99
C GLY B 66 -5.03 13.64 -17.13
N ARG B 67 -4.48 14.20 -16.06
CA ARG B 67 -3.15 14.79 -16.17
C ARG B 67 -2.02 13.78 -15.96
N PHE B 68 -2.29 12.57 -15.45
CA PHE B 68 -1.30 11.50 -15.33
C PHE B 68 -1.60 10.41 -16.35
N THR B 69 -0.55 9.80 -16.92
CA THR B 69 -0.72 8.65 -17.81
C THR B 69 0.26 7.57 -17.42
N ILE B 70 -0.27 6.37 -17.13
CA ILE B 70 0.54 5.19 -16.85
C ILE B 70 0.72 4.41 -18.14
N SER B 71 1.89 3.80 -18.30
CA SER B 71 2.17 2.99 -19.50
C SER B 71 3.28 2.01 -19.13
N ARG B 72 3.49 1.04 -20.01
CA ARG B 72 4.53 0.05 -19.75
C ARG B 72 5.13 -0.47 -21.04
N ASP B 73 6.35 -0.95 -20.93
CA ASP B 73 7.10 -1.53 -22.06
C ASP B 73 7.57 -2.90 -21.59
N ASN B 74 6.79 -3.93 -21.93
CA ASN B 74 7.03 -5.24 -21.38
C ASN B 74 8.36 -5.83 -21.85
N SER B 75 8.82 -5.44 -23.04
CA SER B 75 10.09 -6.01 -23.49
C SER B 75 11.28 -5.49 -22.69
N LYS B 76 11.15 -4.33 -22.04
CA LYS B 76 12.22 -3.76 -21.23
C LYS B 76 11.93 -3.84 -19.73
N ASN B 77 10.89 -4.58 -19.30
CA ASN B 77 10.56 -4.72 -17.87
C ASN B 77 10.39 -3.34 -17.21
N THR B 78 9.77 -2.39 -17.91
CA THR B 78 9.73 -1.01 -17.44
C THR B 78 8.31 -0.45 -17.40
N LEU B 79 7.99 0.23 -16.30
CA LEU B 79 6.75 0.93 -16.08
C LEU B 79 7.03 2.43 -16.12
N TYR B 80 6.08 3.22 -16.66
CA TYR B 80 6.23 4.66 -16.73
C TYR B 80 5.04 5.39 -16.13
N LEU B 81 5.30 6.60 -15.62
CA LEU B 81 4.21 7.50 -15.22
C LEU B 81 4.55 8.88 -15.73
N GLN B 82 3.74 9.36 -16.68
CA GLN B 82 3.88 10.72 -17.17
C GLN B 82 2.95 11.62 -16.37
N MET B 83 3.50 12.66 -15.75
CA MET B 83 2.77 13.56 -14.87
C MET B 83 2.75 14.95 -15.48
N ASN B 84 1.55 15.50 -15.69
CA ASN B 84 1.42 16.83 -16.27
C ASN B 84 0.73 17.77 -15.28
N SER B 85 0.94 19.08 -15.45
CA SER B 85 0.30 20.11 -14.62
C SER B 85 0.44 19.80 -13.14
N LEU B 86 1.68 19.57 -12.73
CA LEU B 86 1.94 19.19 -11.35
C LEU B 86 1.64 20.34 -10.41
N ARG B 87 1.18 20.01 -9.21
CA ARG B 87 0.86 20.99 -8.19
C ARG B 87 1.39 20.52 -6.85
N ALA B 88 1.37 21.44 -5.87
CA ALA B 88 1.95 21.16 -4.55
C ALA B 88 1.45 19.86 -3.97
N GLU B 89 0.18 19.53 -4.24
CA GLU B 89 -0.46 18.31 -3.79
C GLU B 89 0.23 17.05 -4.29
N ASP B 90 1.02 17.15 -5.35
CA ASP B 90 1.70 16.00 -5.92
C ASP B 90 3.05 15.72 -5.28
N THR B 91 3.55 16.60 -4.42
CA THR B 91 4.82 16.37 -3.74
C THR B 91 4.74 15.11 -2.88
N ALA B 92 5.66 14.17 -3.13
CA ALA B 92 5.53 12.80 -2.62
C ALA B 92 6.72 11.96 -3.08
N VAL B 93 6.98 10.88 -2.34
CA VAL B 93 7.79 9.80 -2.88
C VAL B 93 6.88 8.93 -3.71
N TYR B 94 7.28 8.65 -4.95
CA TYR B 94 6.50 7.80 -5.84
C TYR B 94 7.14 6.41 -5.88
N TYR B 95 6.33 5.38 -5.67
CA TYR B 95 6.79 4.00 -5.71
C TYR B 95 6.06 3.23 -6.79
N CYS B 96 6.76 2.33 -7.48
CA CYS B 96 6.05 1.41 -8.34
C CYS B 96 5.81 0.11 -7.57
N ALA B 97 4.75 -0.58 -7.94
CA ALA B 97 4.30 -1.72 -7.16
C ALA B 97 3.93 -2.85 -8.11
N LYS B 98 4.32 -4.07 -7.77
CA LYS B 98 4.03 -5.24 -8.60
C LYS B 98 2.69 -5.84 -8.18
N GLY B 99 1.82 -6.08 -9.16
CA GLY B 99 0.56 -6.73 -8.85
C GLY B 99 0.70 -8.17 -8.40
N SER B 100 -0.28 -8.62 -7.62
CA SER B 100 -0.31 -9.98 -7.08
C SER B 100 -1.71 -10.56 -7.27
N TYR B 101 -1.78 -11.88 -7.47
CA TYR B 101 -3.07 -12.57 -7.58
C TYR B 101 -3.44 -13.24 -6.27
N SER B 102 -2.69 -12.99 -5.20
CA SER B 102 -2.88 -13.65 -3.91
C SER B 102 -3.99 -12.99 -3.12
N ARG B 103 -4.72 -13.80 -2.34
CA ARG B 103 -5.84 -13.30 -1.55
C ARG B 103 -5.40 -12.14 -0.65
N GLY B 104 -6.09 -11.00 -0.77
CA GLY B 104 -5.91 -9.89 0.15
C GLY B 104 -4.72 -8.98 -0.10
N THR B 105 -3.91 -9.26 -1.13
CA THR B 105 -2.80 -8.37 -1.51
C THR B 105 -2.89 -8.07 -2.99
N PRO B 106 -3.46 -6.92 -3.38
CA PRO B 106 -3.46 -6.56 -4.80
C PRO B 106 -2.07 -6.33 -5.34
N PHE B 107 -1.12 -5.93 -4.49
CA PHE B 107 0.29 -5.75 -4.85
C PHE B 107 1.11 -6.46 -3.80
N ASP B 108 2.23 -7.10 -4.20
CA ASP B 108 3.04 -7.81 -3.22
C ASP B 108 4.47 -7.30 -3.06
N TYR B 109 4.94 -6.42 -3.92
CA TYR B 109 6.26 -5.82 -3.76
C TYR B 109 6.16 -4.38 -4.22
N TRP B 110 7.04 -3.53 -3.69
CA TRP B 110 7.14 -2.18 -4.20
C TRP B 110 8.57 -1.70 -4.04
N GLY B 111 8.88 -0.62 -4.72
CA GLY B 111 10.25 -0.24 -4.97
C GLY B 111 10.81 0.67 -3.90
N GLN B 112 11.96 1.25 -4.21
CA GLN B 112 12.69 2.11 -3.26
C GLN B 112 12.06 3.49 -3.15
N GLY B 113 11.42 3.93 -4.23
CA GLY B 113 10.77 5.22 -4.34
C GLY B 113 11.67 6.27 -4.97
N THR B 114 11.04 7.24 -5.63
CA THR B 114 11.75 8.39 -6.17
C THR B 114 10.97 9.64 -5.77
N LEU B 115 11.70 10.65 -5.28
CA LEU B 115 11.09 11.83 -4.67
C LEU B 115 10.81 12.88 -5.73
N VAL B 116 9.59 13.40 -5.72
CA VAL B 116 9.17 14.50 -6.57
C VAL B 116 8.72 15.63 -5.66
N THR B 117 9.33 16.80 -5.80
CA THR B 117 8.89 17.99 -5.07
C THR B 117 8.47 19.04 -6.09
N VAL B 118 7.30 19.64 -5.84
CA VAL B 118 6.72 20.67 -6.69
C VAL B 118 6.78 21.99 -5.92
N SER B 119 7.63 22.91 -6.36
CA SER B 119 7.74 24.23 -5.73
C SER B 119 8.43 25.26 -6.61
P PO4 C . 1.60 -1.64 -1.36
O1 PO4 C . 2.62 -2.66 -1.84
O2 PO4 C . 0.24 -2.19 -1.70
O3 PO4 C . 1.82 -0.37 -2.16
O4 PO4 C . 1.75 -1.35 0.13
#